data_8VQL
#
_entry.id   8VQL
#
_cell.length_a   164.269
_cell.length_b   164.269
_cell.length_c   164.269
_cell.angle_alpha   90.00
_cell.angle_beta   90.00
_cell.angle_gamma   90.00
#
_symmetry.space_group_name_H-M   'I 21 3'
#
loop_
_entity.id
_entity.type
_entity.pdbx_description
1 polymer 'Hemagglutinin HA1 chain'
2 polymer 'Hemagglutinin HA2 chain'
3 branched 2-acetamido-2-deoxy-beta-D-glucopyranose-(1-4)-2-acetamido-2-deoxy-beta-D-glucopyranose
4 non-polymer 2-acetamido-2-deoxy-beta-D-glucopyranose
5 non-polymer '(S~1~S,3S)-N-{3,5-dichloro-4-[(2S)-2-phenylmorpholine-4-carbonyl]phenyl}-3-(dimethylamino)pyrrolidine-1-sulfonimidoyl fluoride'
6 water water
#
loop_
_entity_poly.entity_id
_entity_poly.type
_entity_poly.pdbx_seq_one_letter_code
_entity_poly.pdbx_strand_id
1 'polypeptide(L)'
;APGDTICIGYHANNSTDTVDTVLEKNVTVTHSVNLLEDSHNGKLCRLKGIAPLQLGKCNIAGWLLGNPECDPLLPVRSWS
YIVETPNSENGICYPGDFIDYEELREQLSSVSSFERFEIFPKESSWPNHNTNGVTAACSHEGKSSFYRNLLWLTEKEGSY
PKLKNSYVNKKGKEVLVLWGIHHPPNSKEQQNLYQNENAYVSVVTSNYNRRFTPEIAERPKVRDQAGRMNYYWTLLKPGD
TIIFEANGNLIAPMYAFALSRGFGSGIITSNASMHECNTKCQTPLGAINSSLPYQNIHPVTIGECPKYVRSAKLRMVTGL
RNIPS
;
A
2 'polypeptide(L)'
;GLFGAIAGFIEGGWTGMIDGWYGYHHQNEQGSGYAADQKSTQNAINGITNKVNTVIEKMNIQFTAVGKEFNKLEKRMENL
NKKVDDGFLDIWTYNAELLVLLENERTLDFHDSNVKNLYEKVKSQLKNNAKEIGNGCFEFYHKCDNECMESVRNGTYDYP
KYSEESKLNREKVDGVKLESMGIYQILAIYSTVASSLVLLVSLGAISFWMCSNGSLQCRICI
;
B
#
loop_
_chem_comp.id
_chem_comp.type
_chem_comp.name
_chem_comp.formula
A1ADD non-polymer '(S~1~S,3S)-N-{3,5-dichloro-4-[(2S)-2-phenylmorpholine-4-carbonyl]phenyl}-3-(dimethylamino)pyrrolidine-1-sulfonimidoyl fluoride' 'C23 H27 Cl2 F N4 O3 S'
NAG D-saccharide, beta linking 2-acetamido-2-deoxy-beta-D-glucopyranose 'C8 H15 N O6'
#
# COMPACT_ATOMS: atom_id res chain seq x y z
N ALA A 1 24.23 -63.81 1.29
CA ALA A 1 23.66 -62.48 1.49
C ALA A 1 24.64 -61.39 1.11
N PRO A 2 24.14 -60.32 0.47
CA PRO A 2 25.03 -59.22 0.08
C PRO A 2 25.74 -58.56 1.25
N GLY A 3 25.09 -58.47 2.41
CA GLY A 3 25.65 -57.81 3.56
C GLY A 3 24.85 -56.58 3.95
N ASP A 4 25.22 -56.01 5.09
CA ASP A 4 24.52 -54.86 5.65
C ASP A 4 24.94 -53.58 4.94
N THR A 5 23.98 -52.68 4.76
CA THR A 5 24.18 -51.48 3.96
C THR A 5 23.70 -50.24 4.72
N ILE A 6 24.36 -49.12 4.44
CA ILE A 6 23.94 -47.80 4.90
C ILE A 6 23.92 -46.87 3.69
N CYS A 7 22.94 -45.97 3.65
CA CYS A 7 22.74 -45.10 2.49
C CYS A 7 22.45 -43.69 2.93
N ILE A 8 22.95 -42.73 2.14
CA ILE A 8 22.71 -41.30 2.33
C ILE A 8 21.71 -40.85 1.28
N GLY A 9 20.71 -40.08 1.69
CA GLY A 9 19.67 -39.65 0.80
C GLY A 9 19.05 -38.35 1.26
N TYR A 10 18.09 -37.87 0.48
CA TYR A 10 17.44 -36.60 0.75
C TYR A 10 15.93 -36.75 0.63
N HIS A 11 15.23 -35.80 1.24
CA HIS A 11 13.78 -35.86 1.36
C HIS A 11 13.08 -35.61 0.02
N ALA A 12 11.92 -36.22 -0.14
CA ALA A 12 11.02 -35.94 -1.25
C ALA A 12 9.59 -36.12 -0.74
N ASN A 13 8.64 -35.52 -1.45
CA ASN A 13 7.24 -35.57 -1.03
C ASN A 13 6.36 -35.34 -2.26
N ASN A 14 5.06 -35.10 -2.01
CA ASN A 14 4.07 -34.95 -3.07
C ASN A 14 3.81 -33.49 -3.43
N SER A 15 4.70 -32.58 -3.03
CA SER A 15 4.51 -31.17 -3.34
C SER A 15 4.64 -30.90 -4.84
N THR A 16 3.82 -29.99 -5.34
CA THR A 16 3.85 -29.58 -6.74
C THR A 16 4.29 -28.13 -6.91
N ASP A 17 4.83 -27.51 -5.87
CA ASP A 17 5.27 -26.12 -5.96
C ASP A 17 6.46 -25.98 -6.91
N THR A 18 6.46 -24.90 -7.68
CA THR A 18 7.52 -24.63 -8.65
C THR A 18 8.08 -23.24 -8.42
N VAL A 19 9.40 -23.11 -8.61
CA VAL A 19 10.08 -21.82 -8.55
C VAL A 19 10.96 -21.70 -9.78
N ASP A 20 11.40 -20.47 -10.03
CA ASP A 20 12.33 -20.18 -11.11
C ASP A 20 13.69 -19.83 -10.54
N THR A 21 14.73 -20.21 -11.26
CA THR A 21 16.10 -19.82 -10.95
C THR A 21 16.69 -19.15 -12.19
N VAL A 22 17.91 -18.65 -12.04
CA VAL A 22 18.58 -18.00 -13.16
C VAL A 22 18.95 -19.01 -14.23
N LEU A 23 19.38 -20.22 -13.82
CA LEU A 23 19.80 -21.22 -14.80
C LEU A 23 18.62 -22.02 -15.36
N GLU A 24 17.54 -22.17 -14.61
CA GLU A 24 16.47 -23.06 -15.05
C GLU A 24 15.15 -22.62 -14.44
N LYS A 25 14.09 -22.70 -15.24
CA LYS A 25 12.75 -22.30 -14.81
C LYS A 25 11.89 -23.51 -14.53
N ASN A 26 10.83 -23.28 -13.75
CA ASN A 26 9.80 -24.28 -13.45
C ASN A 26 10.41 -25.50 -12.77
N VAL A 27 11.02 -25.26 -11.60
CA VAL A 27 11.67 -26.30 -10.81
C VAL A 27 10.71 -26.74 -9.72
N THR A 28 10.31 -28.00 -9.75
CA THR A 28 9.47 -28.54 -8.68
C THR A 28 10.33 -28.77 -7.44
N VAL A 29 9.88 -28.25 -6.30
CA VAL A 29 10.65 -28.29 -5.07
C VAL A 29 9.78 -28.81 -3.93
N THR A 30 10.44 -29.30 -2.88
CA THR A 30 9.72 -29.91 -1.77
C THR A 30 9.04 -28.86 -0.89
N HIS A 31 9.70 -27.72 -0.66
CA HIS A 31 9.15 -26.68 0.19
C HIS A 31 9.48 -25.32 -0.39
N SER A 32 8.59 -24.36 -0.16
CA SER A 32 8.74 -23.01 -0.69
C SER A 32 7.88 -22.04 0.12
N VAL A 33 8.18 -20.75 -0.03
CA VAL A 33 7.45 -19.68 0.63
C VAL A 33 7.02 -18.66 -0.41
N ASN A 34 5.73 -18.35 -0.44
CA ASN A 34 5.22 -17.28 -1.28
C ASN A 34 5.50 -15.94 -0.61
N LEU A 35 6.04 -15.00 -1.37
CA LEU A 35 6.37 -13.68 -0.85
C LEU A 35 5.50 -12.58 -1.44
N LEU A 36 4.62 -12.91 -2.39
CA LEU A 36 3.81 -11.91 -3.09
C LEU A 36 2.36 -12.04 -2.65
N GLU A 37 1.83 -10.99 -2.02
CA GLU A 37 0.44 -10.97 -1.58
C GLU A 37 -0.46 -10.52 -2.71
N ASP A 38 -1.50 -11.31 -3.00
CA ASP A 38 -2.44 -10.97 -4.07
C ASP A 38 -3.89 -11.03 -3.60
N SER A 39 -4.15 -11.17 -2.31
CA SER A 39 -5.50 -11.33 -1.79
C SER A 39 -5.90 -10.11 -0.98
N HIS A 40 -7.12 -9.64 -1.20
CA HIS A 40 -7.71 -8.57 -0.42
C HIS A 40 -9.18 -8.89 -0.20
N ASN A 41 -9.77 -8.26 0.82
CA ASN A 41 -11.13 -8.58 1.21
C ASN A 41 -12.18 -7.82 0.40
N GLY A 42 -11.75 -6.94 -0.51
CA GLY A 42 -12.68 -6.23 -1.38
C GLY A 42 -13.64 -5.28 -0.69
N LYS A 43 -13.21 -4.68 0.43
CA LYS A 43 -14.08 -3.80 1.19
C LYS A 43 -13.29 -2.59 1.65
N LEU A 44 -14.02 -1.52 1.99
CA LEU A 44 -13.44 -0.36 2.64
C LEU A 44 -13.53 -0.56 4.15
N CYS A 45 -12.39 -0.51 4.83
CA CYS A 45 -12.30 -0.85 6.23
C CYS A 45 -11.81 0.34 7.04
N ARG A 46 -12.01 0.25 8.36
CA ARG A 46 -11.36 1.17 9.28
C ARG A 46 -9.86 0.94 9.28
N LEU A 47 -9.10 2.01 9.44
CA LEU A 47 -7.65 1.94 9.47
C LEU A 47 -7.19 2.22 10.89
N LYS A 48 -6.55 1.24 11.52
CA LYS A 48 -6.07 1.35 12.90
C LYS A 48 -7.18 1.84 13.83
N GLY A 49 -8.41 1.35 13.59
CA GLY A 49 -9.53 1.67 14.43
C GLY A 49 -10.23 2.98 14.12
N ILE A 50 -9.87 3.65 13.03
CA ILE A 50 -10.44 4.95 12.67
C ILE A 50 -11.10 4.83 11.30
N ALA A 51 -12.37 5.22 11.22
CA ALA A 51 -13.12 5.11 9.97
C ALA A 51 -12.72 6.22 9.01
N PRO A 52 -12.77 5.95 7.71
CA PRO A 52 -12.48 6.99 6.72
C PRO A 52 -13.64 7.97 6.58
N LEU A 53 -13.37 9.05 5.87
CA LEU A 53 -14.38 10.05 5.55
C LEU A 53 -14.88 9.79 4.14
N GLN A 54 -16.14 9.38 4.01
CA GLN A 54 -16.75 9.09 2.72
C GLN A 54 -17.58 10.30 2.29
N LEU A 55 -17.21 10.90 1.17
CA LEU A 55 -17.91 12.07 0.68
C LEU A 55 -19.15 11.73 -0.15
N GLY A 56 -19.39 10.45 -0.44
CA GLY A 56 -20.55 10.05 -1.20
C GLY A 56 -20.61 10.59 -2.62
N LYS A 57 -21.62 11.42 -2.89
CA LYS A 57 -21.79 11.99 -4.22
C LYS A 57 -20.90 13.19 -4.50
N CYS A 58 -20.22 13.72 -3.48
CA CYS A 58 -19.42 14.92 -3.63
C CYS A 58 -17.95 14.60 -3.84
N ASN A 59 -17.26 15.49 -4.55
CA ASN A 59 -15.80 15.51 -4.52
C ASN A 59 -15.36 16.50 -3.45
N ILE A 60 -14.06 16.78 -3.39
CA ILE A 60 -13.55 17.68 -2.37
C ILE A 60 -14.16 19.08 -2.55
N ALA A 61 -14.19 19.56 -3.78
CA ALA A 61 -14.74 20.89 -4.04
C ALA A 61 -16.20 20.98 -3.65
N GLY A 62 -16.98 19.93 -3.97
CA GLY A 62 -18.39 19.94 -3.62
C GLY A 62 -18.64 19.90 -2.12
N TRP A 63 -17.80 19.16 -1.39
CA TRP A 63 -17.98 19.08 0.06
C TRP A 63 -17.53 20.37 0.73
N LEU A 64 -16.39 20.92 0.32
CA LEU A 64 -15.85 22.11 0.98
C LEU A 64 -16.74 23.32 0.77
N LEU A 65 -17.26 23.52 -0.44
CA LEU A 65 -18.18 24.62 -0.70
C LEU A 65 -19.58 24.35 -0.15
N GLY A 66 -19.93 23.09 0.05
CA GLY A 66 -21.25 22.74 0.57
C GLY A 66 -22.30 22.61 -0.52
N ASN A 67 -22.04 21.75 -1.50
CA ASN A 67 -23.01 21.51 -2.56
C ASN A 67 -24.32 21.02 -1.95
N PRO A 68 -25.46 21.65 -2.28
CA PRO A 68 -26.74 21.26 -1.64
C PRO A 68 -27.25 19.88 -2.02
N GLU A 69 -26.74 19.27 -3.09
CA GLU A 69 -27.20 17.96 -3.51
C GLU A 69 -26.58 16.82 -2.71
N CYS A 70 -25.58 17.10 -1.89
CA CYS A 70 -24.88 16.09 -1.11
C CYS A 70 -25.41 16.06 0.32
N ASP A 71 -25.50 14.86 0.88
CA ASP A 71 -25.98 14.72 2.25
C ASP A 71 -25.01 15.40 3.21
N PRO A 72 -25.48 16.31 4.06
CA PRO A 72 -24.56 17.03 4.95
C PRO A 72 -23.97 16.11 6.01
N LEU A 73 -22.68 16.27 6.25
CA LEU A 73 -22.01 15.48 7.27
C LEU A 73 -22.24 16.09 8.65
N LEU A 74 -21.81 15.36 9.67
CA LEU A 74 -21.86 15.87 11.03
C LEU A 74 -20.94 17.09 11.14
N PRO A 75 -21.22 17.99 12.10
CA PRO A 75 -20.37 19.20 12.21
C PRO A 75 -18.93 18.89 12.53
N VAL A 76 -18.65 17.76 13.18
CA VAL A 76 -17.31 17.34 13.54
C VAL A 76 -17.09 15.94 13.02
N ARG A 77 -16.00 15.72 12.29
CA ARG A 77 -15.64 14.40 11.81
C ARG A 77 -14.14 14.18 12.01
N SER A 78 -13.77 12.94 12.26
CA SER A 78 -12.38 12.51 12.36
C SER A 78 -12.19 11.24 11.56
N TRP A 79 -11.11 11.15 10.80
CA TRP A 79 -10.94 10.06 9.84
C TRP A 79 -9.47 9.70 9.69
N SER A 80 -9.22 8.58 9.02
CA SER A 80 -7.88 8.11 8.70
C SER A 80 -7.52 8.28 7.23
N TYR A 81 -8.51 8.28 6.34
CA TYR A 81 -8.29 8.58 4.93
C TYR A 81 -9.61 9.06 4.33
N ILE A 82 -9.53 9.66 3.15
CA ILE A 82 -10.67 10.26 2.49
C ILE A 82 -10.99 9.45 1.24
N VAL A 83 -12.28 9.16 1.03
CA VAL A 83 -12.74 8.37 -0.11
C VAL A 83 -13.63 9.24 -0.98
N GLU A 84 -13.32 9.28 -2.27
CA GLU A 84 -14.17 9.87 -3.29
C GLU A 84 -14.66 8.77 -4.22
N THR A 85 -15.95 8.76 -4.49
CA THR A 85 -16.49 7.79 -5.43
C THR A 85 -16.00 8.13 -6.84
N PRO A 86 -15.82 7.11 -7.71
CA PRO A 86 -15.41 7.39 -9.08
C PRO A 86 -16.37 8.31 -9.83
N ASN A 87 -17.67 8.24 -9.53
CA ASN A 87 -18.67 9.10 -10.14
C ASN A 87 -19.06 10.17 -9.13
N SER A 88 -18.29 11.25 -9.09
CA SER A 88 -18.60 12.39 -8.22
C SER A 88 -19.44 13.36 -9.03
N GLU A 89 -20.75 13.13 -9.04
CA GLU A 89 -21.66 13.95 -9.83
C GLU A 89 -21.80 15.37 -9.29
N ASN A 90 -21.30 15.65 -8.08
CA ASN A 90 -21.50 16.95 -7.45
C ASN A 90 -20.15 17.55 -7.06
N GLY A 91 -19.76 18.60 -7.77
CA GLY A 91 -18.58 19.37 -7.44
C GLY A 91 -18.92 20.84 -7.42
N ILE A 92 -18.19 21.63 -8.21
CA ILE A 92 -18.55 23.03 -8.41
C ILE A 92 -19.82 23.08 -9.26
N CYS A 93 -20.87 23.71 -8.74
CA CYS A 93 -22.13 23.79 -9.48
C CYS A 93 -22.36 25.14 -10.16
N TYR A 94 -21.82 26.23 -9.63
CA TYR A 94 -21.80 27.48 -10.37
C TYR A 94 -20.48 27.59 -11.12
N PRO A 95 -20.50 27.70 -12.45
CA PRO A 95 -19.25 27.57 -13.22
C PRO A 95 -18.23 28.64 -12.83
N GLY A 96 -16.97 28.24 -12.85
CA GLY A 96 -15.88 29.12 -12.49
C GLY A 96 -14.62 28.33 -12.22
N ASP A 97 -13.60 29.04 -11.76
CA ASP A 97 -12.29 28.47 -11.48
C ASP A 97 -12.07 28.39 -9.98
N PHE A 98 -11.63 27.23 -9.52
CA PHE A 98 -11.27 27.01 -8.11
C PHE A 98 -9.76 27.21 -8.00
N ILE A 99 -9.35 28.39 -7.55
CA ILE A 99 -7.93 28.75 -7.61
C ILE A 99 -7.16 27.93 -6.59
N ASP A 100 -6.05 27.32 -7.04
CA ASP A 100 -5.20 26.48 -6.20
C ASP A 100 -5.97 25.32 -5.61
N TYR A 101 -6.89 24.74 -6.39
CA TYR A 101 -7.70 23.64 -5.91
C TYR A 101 -6.83 22.43 -5.57
N GLU A 102 -5.86 22.11 -6.44
CA GLU A 102 -5.03 20.93 -6.22
C GLU A 102 -4.18 21.08 -4.96
N GLU A 103 -3.67 22.28 -4.70
CA GLU A 103 -2.89 22.54 -3.50
C GLU A 103 -3.74 22.33 -2.24
N LEU A 104 -5.01 22.74 -2.31
CA LEU A 104 -5.90 22.52 -1.17
C LEU A 104 -6.14 21.04 -0.93
N ARG A 105 -6.17 20.23 -2.00
CA ARG A 105 -6.32 18.79 -1.83
C ARG A 105 -5.13 18.20 -1.07
N GLU A 106 -3.92 18.60 -1.43
CA GLU A 106 -2.74 18.10 -0.73
C GLU A 106 -2.71 18.57 0.72
N GLN A 107 -3.23 19.77 1.00
CA GLN A 107 -3.36 20.21 2.38
C GLN A 107 -4.26 19.27 3.16
N LEU A 108 -5.40 18.89 2.57
CA LEU A 108 -6.35 18.01 3.24
C LEU A 108 -5.81 16.61 3.41
N SER A 109 -4.76 16.23 2.67
CA SER A 109 -4.18 14.89 2.80
C SER A 109 -3.53 14.68 4.15
N SER A 110 -3.13 15.75 4.83
CA SER A 110 -2.51 15.66 6.15
C SER A 110 -3.46 16.12 7.26
N VAL A 111 -4.76 16.21 6.96
CA VAL A 111 -5.76 16.65 7.92
C VAL A 111 -6.45 15.42 8.49
N SER A 112 -6.59 15.38 9.82
CA SER A 112 -7.23 14.26 10.49
C SER A 112 -8.64 14.54 10.98
N SER A 113 -9.04 15.82 11.07
CA SER A 113 -10.36 16.14 11.61
C SER A 113 -10.74 17.56 11.21
N PHE A 114 -12.05 17.81 11.12
CA PHE A 114 -12.58 19.14 10.87
C PHE A 114 -13.73 19.44 11.83
N GLU A 115 -13.91 20.72 12.12
CA GLU A 115 -15.09 21.23 12.82
C GLU A 115 -15.72 22.32 11.96
N ARG A 116 -16.98 22.13 11.58
CA ARG A 116 -17.68 23.09 10.75
C ARG A 116 -18.45 24.05 11.65
N PHE A 117 -18.13 25.34 11.57
CA PHE A 117 -18.74 26.34 12.45
C PHE A 117 -19.05 27.60 11.66
N GLU A 118 -19.98 28.39 12.19
CA GLU A 118 -20.43 29.61 11.53
C GLU A 118 -19.43 30.72 11.80
N ILE A 119 -18.57 30.99 10.83
CA ILE A 119 -17.61 32.08 10.97
C ILE A 119 -18.30 33.43 10.90
N PHE A 120 -19.28 33.57 10.00
CA PHE A 120 -20.06 34.81 9.83
C PHE A 120 -21.54 34.45 9.84
N PRO A 121 -22.21 34.54 10.99
CA PRO A 121 -23.62 34.14 11.07
C PRO A 121 -24.49 34.88 10.07
N LYS A 122 -25.46 34.15 9.48
CA LYS A 122 -26.21 34.66 8.35
C LYS A 122 -26.99 35.91 8.71
N GLU A 123 -27.73 35.88 9.81
CA GLU A 123 -28.61 36.98 10.19
C GLU A 123 -27.97 37.95 11.18
N SER A 124 -26.64 37.94 11.27
CA SER A 124 -25.96 38.79 12.24
C SER A 124 -24.84 39.61 11.59
N SER A 125 -24.24 39.08 10.52
CA SER A 125 -23.01 39.65 9.98
C SER A 125 -23.24 40.60 8.82
N TRP A 126 -24.37 40.52 8.12
CA TRP A 126 -24.60 41.30 6.92
C TRP A 126 -25.92 42.08 7.02
N PRO A 127 -25.96 43.11 7.86
CA PRO A 127 -27.04 44.09 7.73
C PRO A 127 -26.82 44.93 6.49
N ASN A 128 -27.91 45.53 6.02
CA ASN A 128 -27.91 46.38 4.82
C ASN A 128 -27.50 45.61 3.57
N HIS A 129 -27.55 44.27 3.60
CA HIS A 129 -27.25 43.46 2.43
C HIS A 129 -28.24 42.31 2.33
N ASN A 130 -28.70 42.03 1.12
CA ASN A 130 -29.54 40.86 0.89
C ASN A 130 -28.68 39.62 0.79
N THR A 131 -29.11 38.54 1.46
CA THR A 131 -28.34 37.31 1.54
C THR A 131 -29.11 36.10 1.02
N ASN A 132 -30.22 36.30 0.34
CA ASN A 132 -31.10 35.21 -0.08
C ASN A 132 -30.87 34.79 -1.53
N GLY A 133 -29.83 35.30 -2.17
CA GLY A 133 -29.56 34.96 -3.56
C GLY A 133 -29.36 33.49 -3.81
N VAL A 134 -30.06 32.93 -4.80
CA VAL A 134 -29.95 31.54 -5.18
C VAL A 134 -29.77 31.46 -6.69
N THR A 135 -29.58 30.24 -7.18
CA THR A 135 -29.36 30.02 -8.60
C THR A 135 -29.82 28.61 -8.97
N ALA A 136 -30.25 28.47 -10.22
CA ALA A 136 -30.64 27.16 -10.73
C ALA A 136 -29.44 26.27 -11.01
N ALA A 137 -28.23 26.83 -11.05
CA ALA A 137 -27.04 26.00 -11.26
C ALA A 137 -26.80 25.07 -10.08
N CYS A 138 -27.10 25.51 -8.87
CA CYS A 138 -26.98 24.69 -7.66
C CYS A 138 -28.39 24.39 -7.16
N SER A 139 -28.99 23.36 -7.72
CA SER A 139 -30.37 23.02 -7.40
C SER A 139 -30.43 22.02 -6.25
N HIS A 140 -31.60 21.96 -5.61
CA HIS A 140 -31.83 21.04 -4.51
C HIS A 140 -33.31 20.72 -4.45
N GLU A 141 -33.65 19.45 -4.70
CA GLU A 141 -35.04 18.97 -4.72
C GLU A 141 -35.87 19.72 -5.77
N GLY A 142 -35.24 20.04 -6.90
CA GLY A 142 -35.93 20.71 -7.99
C GLY A 142 -36.07 22.21 -7.83
N LYS A 143 -35.56 22.80 -6.76
CA LYS A 143 -35.64 24.22 -6.52
C LYS A 143 -34.25 24.83 -6.48
N SER A 144 -34.16 26.10 -6.93
CA SER A 144 -32.88 26.80 -6.90
C SER A 144 -32.37 26.94 -5.48
N SER A 145 -31.06 26.82 -5.32
CA SER A 145 -30.44 26.89 -4.00
C SER A 145 -29.05 27.50 -4.15
N PHE A 146 -28.21 27.33 -3.13
CA PHE A 146 -26.86 27.86 -3.16
C PHE A 146 -25.99 27.01 -2.23
N TYR A 147 -24.69 27.31 -2.23
CA TYR A 147 -23.75 26.59 -1.38
C TYR A 147 -24.14 26.75 0.09
N ARG A 148 -23.95 25.67 0.86
CA ARG A 148 -24.28 25.71 2.29
C ARG A 148 -23.27 26.49 3.12
N ASN A 149 -22.07 26.76 2.59
CA ASN A 149 -21.02 27.43 3.35
C ASN A 149 -20.78 28.86 2.91
N LEU A 150 -21.47 29.32 1.86
CA LEU A 150 -21.27 30.65 1.31
C LEU A 150 -22.60 31.40 1.28
N LEU A 151 -22.51 32.71 1.06
CA LEU A 151 -23.68 33.57 1.04
C LEU A 151 -23.53 34.57 -0.10
N TRP A 152 -24.51 34.58 -1.01
CA TRP A 152 -24.52 35.50 -2.14
C TRP A 152 -25.04 36.85 -1.68
N LEU A 153 -24.13 37.79 -1.46
CA LEU A 153 -24.53 39.13 -1.04
C LEU A 153 -24.95 39.96 -2.26
N THR A 154 -26.09 40.62 -2.14
CA THR A 154 -26.62 41.49 -3.20
C THR A 154 -27.09 42.80 -2.58
N GLU A 155 -27.57 43.69 -3.44
CA GLU A 155 -28.05 44.99 -2.99
C GLU A 155 -29.30 44.85 -2.13
N LYS A 156 -29.47 45.78 -1.20
CA LYS A 156 -30.65 45.84 -0.35
C LYS A 156 -31.25 47.24 -0.45
N GLU A 157 -32.47 47.33 -0.95
CA GLU A 157 -33.19 48.59 -1.09
C GLU A 157 -32.41 49.60 -1.94
N GLY A 158 -31.95 49.15 -3.10
CA GLY A 158 -31.32 50.02 -4.07
C GLY A 158 -29.89 50.40 -3.79
N SER A 159 -29.23 49.79 -2.81
CA SER A 159 -27.87 50.15 -2.47
C SER A 159 -27.11 48.92 -1.96
N TYR A 160 -25.79 48.96 -2.15
CA TYR A 160 -24.87 47.93 -1.66
C TYR A 160 -23.78 48.65 -0.88
N PRO A 161 -23.96 48.82 0.42
CA PRO A 161 -22.95 49.52 1.22
C PRO A 161 -21.63 48.76 1.26
N LYS A 162 -20.55 49.51 1.40
CA LYS A 162 -19.24 48.89 1.54
C LYS A 162 -19.18 48.11 2.83
N LEU A 163 -19.10 46.79 2.73
CA LEU A 163 -19.06 45.95 3.92
C LEU A 163 -17.64 45.83 4.44
N LYS A 164 -17.52 45.66 5.75
CA LYS A 164 -16.22 45.46 6.41
C LYS A 164 -16.46 44.49 7.57
N ASN A 165 -16.08 43.23 7.38
CA ASN A 165 -16.26 42.22 8.40
C ASN A 165 -14.95 41.49 8.63
N SER A 166 -14.73 41.07 9.87
CA SER A 166 -13.50 40.38 10.22
C SER A 166 -13.79 39.29 11.24
N TYR A 167 -12.92 38.28 11.26
CA TYR A 167 -13.02 37.19 12.21
C TYR A 167 -11.65 36.93 12.81
N VAL A 168 -11.61 36.75 14.13
CA VAL A 168 -10.38 36.40 14.84
C VAL A 168 -10.39 34.91 15.12
N ASN A 169 -9.32 34.23 14.76
CA ASN A 169 -9.25 32.78 14.95
C ASN A 169 -8.95 32.49 16.41
N LYS A 170 -9.98 32.07 17.16
CA LYS A 170 -9.82 31.71 18.57
C LYS A 170 -10.03 30.21 18.80
N LYS A 171 -9.98 29.41 17.75
CA LYS A 171 -10.25 27.97 17.87
C LYS A 171 -9.03 27.19 18.33
N GLY A 172 -7.83 27.78 18.28
CA GLY A 172 -6.61 27.09 18.63
C GLY A 172 -6.07 26.17 17.56
N LYS A 173 -6.71 26.12 16.39
CA LYS A 173 -6.22 25.36 15.25
C LYS A 173 -6.39 26.21 14.00
N GLU A 174 -5.74 25.78 12.93
CA GLU A 174 -5.88 26.47 11.66
C GLU A 174 -7.33 26.42 11.19
N VAL A 175 -7.80 27.51 10.59
CA VAL A 175 -9.17 27.61 10.12
C VAL A 175 -9.15 27.84 8.62
N LEU A 176 -9.87 26.99 7.88
CA LEU A 176 -9.96 27.09 6.43
C LEU A 176 -11.15 27.97 6.07
N VAL A 177 -10.88 29.07 5.38
CA VAL A 177 -11.90 30.03 4.96
C VAL A 177 -11.99 29.99 3.44
N LEU A 178 -13.21 29.83 2.93
CA LEU A 178 -13.46 29.84 1.49
C LEU A 178 -14.44 30.94 1.16
N TRP A 179 -14.22 31.59 0.02
CA TRP A 179 -15.12 32.62 -0.46
C TRP A 179 -15.10 32.58 -1.99
N GLY A 180 -16.06 33.28 -2.59
CA GLY A 180 -16.16 33.35 -4.02
C GLY A 180 -16.23 34.77 -4.51
N ILE A 181 -15.94 34.94 -5.79
CA ILE A 181 -16.04 36.21 -6.50
C ILE A 181 -16.92 35.99 -7.72
N HIS A 182 -18.00 36.76 -7.83
CA HIS A 182 -18.94 36.61 -8.94
C HIS A 182 -18.60 37.59 -10.05
N HIS A 183 -18.68 37.11 -11.28
CA HIS A 183 -18.41 37.93 -12.47
C HIS A 183 -19.64 37.93 -13.38
N PRO A 184 -20.44 38.99 -13.36
CA PRO A 184 -21.64 39.01 -14.20
C PRO A 184 -21.26 39.05 -15.68
N PRO A 185 -22.14 38.54 -16.56
CA PRO A 185 -21.82 38.56 -18.00
C PRO A 185 -22.03 39.92 -18.65
N ASN A 186 -22.76 40.84 -18.02
CA ASN A 186 -22.97 42.16 -18.59
C ASN A 186 -23.05 43.18 -17.47
N SER A 187 -22.74 44.44 -17.81
CA SER A 187 -22.75 45.50 -16.80
C SER A 187 -24.14 45.80 -16.27
N LYS A 188 -25.18 45.49 -17.04
CA LYS A 188 -26.55 45.67 -16.55
C LYS A 188 -26.82 44.80 -15.33
N GLU A 189 -26.35 43.55 -15.36
CA GLU A 189 -26.49 42.69 -14.19
C GLU A 189 -25.59 43.13 -13.05
N GLN A 190 -24.45 43.74 -13.36
CA GLN A 190 -23.55 44.23 -12.31
C GLN A 190 -24.22 45.31 -11.48
N GLN A 191 -24.96 46.23 -12.12
CA GLN A 191 -25.68 47.26 -11.36
C GLN A 191 -26.85 46.67 -10.59
N ASN A 192 -27.59 45.75 -11.21
CA ASN A 192 -28.81 45.22 -10.60
C ASN A 192 -28.50 44.54 -9.26
N LEU A 193 -27.38 43.82 -9.18
CA LEU A 193 -27.04 43.09 -7.98
C LEU A 193 -26.20 43.89 -7.00
N TYR A 194 -25.29 44.73 -7.50
CA TYR A 194 -24.27 45.34 -6.65
C TYR A 194 -24.23 46.86 -6.72
N GLN A 195 -24.97 47.49 -7.62
CA GLN A 195 -25.18 48.94 -7.65
C GLN A 195 -23.90 49.75 -7.88
N ASN A 196 -22.78 49.07 -8.10
CA ASN A 196 -21.51 49.74 -8.35
C ASN A 196 -20.83 49.10 -9.56
N GLU A 197 -20.16 49.92 -10.35
CA GLU A 197 -19.40 49.42 -11.49
C GLU A 197 -17.95 49.11 -11.11
N ASN A 198 -17.30 50.04 -10.42
CA ASN A 198 -15.92 49.84 -9.98
C ASN A 198 -15.85 49.10 -8.66
N ALA A 199 -16.53 47.97 -8.60
CA ALA A 199 -16.55 47.17 -7.38
C ALA A 199 -15.21 46.47 -7.18
N TYR A 200 -14.97 46.08 -5.94
CA TYR A 200 -13.76 45.33 -5.59
C TYR A 200 -14.01 44.55 -4.31
N VAL A 201 -13.19 43.53 -4.11
CA VAL A 201 -13.21 42.68 -2.92
C VAL A 201 -11.79 42.60 -2.37
N SER A 202 -11.64 42.83 -1.08
CA SER A 202 -10.35 42.76 -0.42
C SER A 202 -10.40 41.74 0.70
N VAL A 203 -9.45 40.82 0.71
CA VAL A 203 -9.30 39.82 1.76
C VAL A 203 -7.87 39.85 2.25
N VAL A 204 -7.69 40.08 3.55
CA VAL A 204 -6.35 40.23 4.14
C VAL A 204 -6.25 39.42 5.42
N THR A 205 -5.07 38.84 5.64
CA THR A 205 -4.67 38.28 6.93
C THR A 205 -3.25 38.72 7.24
N SER A 206 -2.60 38.08 8.22
CA SER A 206 -1.21 38.40 8.49
C SER A 206 -0.31 38.00 7.33
N ASN A 207 -0.63 36.90 6.65
CA ASN A 207 0.22 36.38 5.57
C ASN A 207 -0.52 36.20 4.25
N TYR A 208 -1.74 36.71 4.15
CA TYR A 208 -2.51 36.67 2.91
C TYR A 208 -2.97 38.09 2.59
N ASN A 209 -2.85 38.47 1.31
CA ASN A 209 -3.15 39.84 0.91
C ASN A 209 -3.48 39.82 -0.59
N ARG A 210 -4.78 39.88 -0.91
CA ARG A 210 -5.22 39.81 -2.30
C ARG A 210 -6.43 40.70 -2.52
N ARG A 211 -6.52 41.23 -3.74
CA ARG A 211 -7.63 42.09 -4.15
C ARG A 211 -8.24 41.54 -5.43
N PHE A 212 -9.56 41.55 -5.51
CA PHE A 212 -10.30 40.99 -6.63
C PHE A 212 -11.17 42.06 -7.27
N THR A 213 -11.20 42.08 -8.59
CA THR A 213 -12.04 42.99 -9.34
C THR A 213 -12.87 42.20 -10.35
N PRO A 214 -14.15 42.54 -10.50
CA PRO A 214 -14.98 41.83 -11.48
C PRO A 214 -14.50 42.08 -12.90
N GLU A 215 -14.62 41.05 -13.73
CA GLU A 215 -14.31 41.14 -15.15
C GLU A 215 -15.57 40.79 -15.92
N ILE A 216 -16.10 41.77 -16.65
CA ILE A 216 -17.43 41.67 -17.25
C ILE A 216 -17.27 41.39 -18.75
N ALA A 217 -17.88 40.30 -19.20
CA ALA A 217 -17.85 39.93 -20.62
C ALA A 217 -18.89 38.85 -20.85
N GLU A 218 -19.45 38.84 -22.06
CA GLU A 218 -20.31 37.74 -22.48
C GLU A 218 -19.48 36.47 -22.58
N ARG A 219 -20.00 35.37 -22.05
CA ARG A 219 -19.31 34.10 -22.02
C ARG A 219 -20.24 32.99 -22.48
N PRO A 220 -19.69 31.89 -23.00
CA PRO A 220 -20.52 30.73 -23.28
C PRO A 220 -21.20 30.23 -22.02
N LYS A 221 -22.44 29.78 -22.18
CA LYS A 221 -23.19 29.28 -21.05
C LYS A 221 -22.62 27.96 -20.58
N VAL A 222 -22.39 27.84 -19.27
CA VAL A 222 -22.00 26.60 -18.64
C VAL A 222 -22.99 26.33 -17.51
N ARG A 223 -23.62 25.15 -17.54
CA ARG A 223 -24.72 24.83 -16.64
C ARG A 223 -25.78 25.92 -16.68
N ASP A 224 -26.07 26.40 -17.90
CA ASP A 224 -27.07 27.43 -18.14
C ASP A 224 -26.71 28.76 -17.46
N GLN A 225 -25.42 29.01 -17.27
CA GLN A 225 -24.95 30.24 -16.64
C GLN A 225 -23.86 30.86 -17.50
N ALA A 226 -24.05 32.11 -17.91
CA ALA A 226 -23.02 32.86 -18.61
C ALA A 226 -22.09 33.61 -17.66
N GLY A 227 -22.49 33.77 -16.39
CA GLY A 227 -21.60 34.32 -15.39
C GLY A 227 -20.61 33.28 -14.88
N ARG A 228 -19.65 33.75 -14.10
CA ARG A 228 -18.62 32.89 -13.51
C ARG A 228 -18.43 33.26 -12.06
N MET A 229 -18.09 32.24 -11.27
CA MET A 229 -17.78 32.41 -9.85
C MET A 229 -16.41 31.80 -9.61
N ASN A 230 -15.45 32.64 -9.22
CA ASN A 230 -14.12 32.18 -8.89
C ASN A 230 -14.03 31.94 -7.39
N TYR A 231 -13.55 30.75 -7.01
CA TYR A 231 -13.50 30.33 -5.62
C TYR A 231 -12.07 30.41 -5.09
N TYR A 232 -11.93 30.93 -3.88
CA TYR A 232 -10.62 31.14 -3.27
C TYR A 232 -10.62 30.62 -1.84
N TRP A 233 -9.42 30.43 -1.30
CA TRP A 233 -9.27 29.87 0.04
C TRP A 233 -7.94 30.33 0.64
N THR A 234 -7.89 30.30 1.97
CA THR A 234 -6.65 30.49 2.70
C THR A 234 -6.78 29.83 4.07
N LEU A 235 -5.64 29.52 4.67
CA LEU A 235 -5.59 28.90 5.98
C LEU A 235 -5.23 29.97 7.01
N LEU A 236 -6.17 30.26 7.91
CA LEU A 236 -5.99 31.29 8.94
C LEU A 236 -5.32 30.68 10.16
N LYS A 237 -4.10 31.13 10.46
CA LYS A 237 -3.34 30.56 11.56
C LYS A 237 -4.01 30.87 12.90
N PRO A 238 -3.75 30.06 13.93
CA PRO A 238 -4.32 30.34 15.25
C PRO A 238 -3.95 31.73 15.74
N GLY A 239 -4.95 32.43 16.28
CA GLY A 239 -4.75 33.78 16.78
C GLY A 239 -4.74 34.87 15.73
N ASP A 240 -4.86 34.53 14.45
CA ASP A 240 -4.81 35.51 13.38
C ASP A 240 -6.22 36.00 13.04
N THR A 241 -6.27 37.13 12.35
CA THR A 241 -7.51 37.78 11.95
C THR A 241 -7.61 37.84 10.44
N ILE A 242 -8.79 37.56 9.92
CA ILE A 242 -9.10 37.72 8.49
C ILE A 242 -10.12 38.84 8.37
N ILE A 243 -9.89 39.76 7.44
CA ILE A 243 -10.74 40.91 7.24
C ILE A 243 -11.28 40.89 5.82
N PHE A 244 -12.60 40.94 5.69
CA PHE A 244 -13.24 41.00 4.39
C PHE A 244 -13.74 42.41 4.14
N GLU A 245 -13.44 42.93 2.95
CA GLU A 245 -13.84 44.28 2.56
C GLU A 245 -14.32 44.22 1.12
N ALA A 246 -15.54 44.70 0.87
CA ALA A 246 -16.08 44.66 -0.47
C ALA A 246 -17.18 45.69 -0.64
N ASN A 247 -17.37 46.14 -1.89
CA ASN A 247 -18.54 46.91 -2.26
C ASN A 247 -19.28 46.26 -3.42
N GLY A 248 -19.19 44.94 -3.50
CA GLY A 248 -19.91 44.17 -4.50
C GLY A 248 -19.18 42.89 -4.82
N ASN A 249 -19.92 41.96 -5.45
CA ASN A 249 -19.41 40.75 -6.08
C ASN A 249 -18.83 39.72 -5.10
N LEU A 250 -18.85 39.98 -3.80
CA LEU A 250 -18.26 39.05 -2.84
C LEU A 250 -19.26 37.94 -2.52
N ILE A 251 -18.85 36.69 -2.72
CA ILE A 251 -19.62 35.53 -2.25
C ILE A 251 -19.06 35.20 -0.87
N ALA A 252 -19.69 35.76 0.15
CA ALA A 252 -19.09 35.79 1.47
C ALA A 252 -19.07 34.39 2.10
N PRO A 253 -18.03 34.09 2.89
CA PRO A 253 -18.05 32.86 3.68
C PRO A 253 -19.13 32.94 4.74
N MET A 254 -19.78 31.82 5.00
CA MET A 254 -20.70 31.70 6.12
C MET A 254 -20.26 30.64 7.12
N TYR A 255 -19.82 29.49 6.64
CA TYR A 255 -19.25 28.45 7.48
C TYR A 255 -17.79 28.26 7.12
N ALA A 256 -16.99 27.88 8.11
CA ALA A 256 -15.56 27.63 7.94
C ALA A 256 -15.23 26.33 8.68
N PHE A 257 -14.00 25.86 8.48
CA PHE A 257 -13.55 24.57 9.01
C PHE A 257 -12.32 24.75 9.87
N ALA A 258 -12.41 24.34 11.13
CA ALA A 258 -11.24 24.25 12.00
C ALA A 258 -10.63 22.85 11.83
N LEU A 259 -9.36 22.80 11.46
CA LEU A 259 -8.71 21.58 11.00
C LEU A 259 -7.65 21.11 11.98
N SER A 260 -7.53 19.79 12.12
CA SER A 260 -6.46 19.17 12.88
C SER A 260 -5.56 18.39 11.93
N ARG A 261 -4.26 18.48 12.14
CA ARG A 261 -3.28 17.79 11.30
C ARG A 261 -3.06 16.36 11.77
N GLY A 262 -2.72 15.49 10.83
CA GLY A 262 -2.47 14.09 11.13
C GLY A 262 -1.40 13.51 10.22
N PHE A 263 -1.14 12.21 10.42
CA PHE A 263 -0.12 11.50 9.67
C PHE A 263 -0.72 10.30 8.95
N GLY A 264 -0.07 9.88 7.88
CA GLY A 264 -0.46 8.65 7.20
C GLY A 264 -1.77 8.69 6.46
N SER A 265 -2.37 9.86 6.28
CA SER A 265 -3.66 9.95 5.61
C SER A 265 -3.46 10.19 4.11
N GLY A 266 -4.57 10.28 3.39
CA GLY A 266 -4.54 10.55 1.96
C GLY A 266 -5.92 10.44 1.38
N ILE A 267 -6.02 10.82 0.10
CA ILE A 267 -7.27 10.79 -0.65
C ILE A 267 -7.18 9.70 -1.71
N ILE A 268 -8.18 8.83 -1.74
CA ILE A 268 -8.22 7.74 -2.72
C ILE A 268 -9.61 7.70 -3.35
N THR A 269 -9.66 7.19 -4.58
CA THR A 269 -10.89 6.97 -5.31
C THR A 269 -11.21 5.47 -5.29
N SER A 270 -12.39 5.12 -4.79
CA SER A 270 -12.74 3.72 -4.66
C SER A 270 -14.21 3.49 -5.02
N ASN A 271 -14.46 2.39 -5.72
CA ASN A 271 -15.81 1.89 -5.94
C ASN A 271 -16.32 1.06 -4.77
N ALA A 272 -15.46 0.68 -3.82
CA ALA A 272 -15.82 -0.26 -2.78
C ALA A 272 -16.72 0.41 -1.74
N SER A 273 -17.29 -0.42 -0.86
CA SER A 273 -18.25 0.01 0.14
C SER A 273 -17.67 -0.14 1.54
N MET A 274 -18.13 0.72 2.45
CA MET A 274 -17.74 0.64 3.85
C MET A 274 -18.29 -0.62 4.49
N HIS A 275 -17.47 -1.26 5.32
CA HIS A 275 -17.87 -2.45 6.07
C HIS A 275 -17.38 -2.32 7.50
N GLU A 276 -17.97 -3.14 8.39
CA GLU A 276 -17.54 -3.20 9.78
C GLU A 276 -16.33 -4.12 9.86
N CYS A 277 -15.16 -3.54 9.59
CA CYS A 277 -13.90 -4.27 9.60
C CYS A 277 -12.79 -3.32 9.98
N ASN A 278 -11.65 -3.88 10.38
CA ASN A 278 -10.47 -3.12 10.71
C ASN A 278 -9.26 -3.71 10.00
N THR A 279 -8.39 -2.84 9.49
CA THR A 279 -7.20 -3.29 8.78
C THR A 279 -6.05 -2.35 9.10
N LYS A 280 -4.84 -2.86 8.90
CA LYS A 280 -3.64 -2.04 8.96
C LYS A 280 -3.21 -1.53 7.58
N CYS A 281 -3.87 -1.98 6.51
CA CYS A 281 -3.47 -1.62 5.15
C CYS A 281 -4.70 -1.59 4.26
N GLN A 282 -4.93 -0.46 3.59
CA GLN A 282 -6.10 -0.25 2.75
C GLN A 282 -5.68 0.18 1.35
N THR A 283 -6.30 -0.41 0.34
CA THR A 283 -6.12 -0.04 -1.06
C THR A 283 -7.47 0.29 -1.67
N PRO A 284 -7.51 1.03 -2.78
CA PRO A 284 -8.79 1.33 -3.42
C PRO A 284 -9.59 0.11 -3.83
N LEU A 285 -8.93 -1.03 -4.05
CA LEU A 285 -9.62 -2.28 -4.34
C LEU A 285 -10.07 -3.02 -3.10
N GLY A 286 -9.42 -2.78 -1.97
CA GLY A 286 -9.74 -3.53 -0.76
C GLY A 286 -8.60 -3.46 0.23
N ALA A 287 -8.80 -4.16 1.34
CA ALA A 287 -7.89 -4.14 2.47
C ALA A 287 -7.02 -5.38 2.48
N ILE A 288 -5.77 -5.22 2.90
CA ILE A 288 -4.78 -6.29 2.90
C ILE A 288 -4.44 -6.66 4.33
N ASN A 289 -4.44 -7.96 4.61
CA ASN A 289 -4.04 -8.51 5.91
C ASN A 289 -2.88 -9.45 5.64
N SER A 290 -1.66 -8.90 5.66
CA SER A 290 -0.49 -9.67 5.22
C SER A 290 0.75 -9.18 5.94
N SER A 291 1.65 -10.13 6.21
CA SER A 291 3.00 -9.83 6.64
C SER A 291 4.03 -10.06 5.54
N LEU A 292 3.57 -10.31 4.32
CA LEU A 292 4.47 -10.52 3.20
C LEU A 292 5.06 -9.18 2.75
N PRO A 293 6.28 -9.19 2.19
CA PRO A 293 6.92 -7.91 1.82
C PRO A 293 6.40 -7.28 0.55
N TYR A 294 5.84 -8.05 -0.38
CA TYR A 294 5.40 -7.51 -1.66
C TYR A 294 3.91 -7.75 -1.86
N GLN A 295 3.32 -6.97 -2.77
CA GLN A 295 1.94 -7.12 -3.18
C GLN A 295 1.78 -6.63 -4.61
N ASN A 296 0.91 -7.28 -5.37
CA ASN A 296 0.63 -6.84 -6.74
C ASN A 296 -0.84 -6.43 -6.89
N ILE A 297 -1.46 -6.00 -5.79
CA ILE A 297 -2.87 -5.63 -5.82
C ILE A 297 -3.04 -4.22 -6.37
N HIS A 298 -2.37 -3.23 -5.76
CA HIS A 298 -2.58 -1.84 -6.16
C HIS A 298 -1.41 -0.99 -5.70
N PRO A 299 -0.98 -0.01 -6.49
CA PRO A 299 0.09 0.90 -6.02
C PRO A 299 -0.37 1.93 -4.99
N VAL A 300 -1.67 2.23 -4.91
CA VAL A 300 -2.17 3.19 -3.94
C VAL A 300 -2.42 2.46 -2.62
N THR A 301 -1.73 2.88 -1.57
CA THR A 301 -1.79 2.20 -0.28
C THR A 301 -1.96 3.22 0.85
N ILE A 302 -2.71 2.84 1.87
CA ILE A 302 -2.88 3.62 3.09
C ILE A 302 -2.48 2.73 4.26
N GLY A 303 -1.61 3.26 5.12
CA GLY A 303 -1.21 2.52 6.31
C GLY A 303 0.13 1.81 6.19
N GLU A 304 0.22 0.61 6.75
CA GLU A 304 1.42 -0.21 6.71
C GLU A 304 1.17 -1.37 5.74
N CYS A 305 1.78 -1.29 4.56
CA CYS A 305 1.46 -2.15 3.45
C CYS A 305 2.71 -2.78 2.87
N PRO A 306 2.57 -3.93 2.21
CA PRO A 306 3.68 -4.46 1.41
C PRO A 306 3.97 -3.56 0.22
N LYS A 307 5.20 -3.66 -0.28
CA LYS A 307 5.61 -2.85 -1.43
C LYS A 307 4.98 -3.37 -2.71
N TYR A 308 4.39 -2.47 -3.49
CA TYR A 308 3.73 -2.85 -4.72
C TYR A 308 4.76 -3.18 -5.81
N VAL A 309 4.56 -4.31 -6.49
CA VAL A 309 5.40 -4.72 -7.61
C VAL A 309 4.51 -5.21 -8.74
N ARG A 310 5.04 -5.17 -9.96
CA ARG A 310 4.32 -5.64 -11.13
C ARG A 310 4.36 -7.16 -11.29
N SER A 311 5.12 -7.86 -10.45
CA SER A 311 5.33 -9.30 -10.65
C SER A 311 4.03 -10.07 -10.51
N ALA A 312 3.92 -11.14 -11.30
CA ALA A 312 2.81 -12.07 -11.17
C ALA A 312 3.07 -13.15 -10.13
N LYS A 313 4.34 -13.42 -9.82
CA LYS A 313 4.69 -14.49 -8.88
C LYS A 313 6.07 -14.22 -8.31
N LEU A 314 6.22 -14.43 -7.00
CA LEU A 314 7.50 -14.29 -6.30
C LEU A 314 7.53 -15.39 -5.26
N ARG A 315 8.09 -16.54 -5.62
CA ARG A 315 8.15 -17.71 -4.76
C ARG A 315 9.60 -18.04 -4.48
N MET A 316 9.97 -18.06 -3.21
CA MET A 316 11.32 -18.40 -2.79
C MET A 316 11.37 -19.85 -2.36
N VAL A 317 12.34 -20.59 -2.87
CA VAL A 317 12.50 -21.98 -2.47
C VAL A 317 13.21 -22.05 -1.12
N THR A 318 12.72 -22.94 -0.26
CA THR A 318 13.38 -23.27 0.99
C THR A 318 13.81 -24.72 1.08
N GLY A 319 13.07 -25.63 0.46
CA GLY A 319 13.41 -27.03 0.46
C GLY A 319 14.33 -27.40 -0.70
N LEU A 320 14.26 -28.67 -1.08
CA LEU A 320 15.13 -29.25 -2.09
C LEU A 320 14.39 -29.45 -3.40
N ARG A 321 15.15 -29.73 -4.44
CA ARG A 321 14.57 -30.21 -5.68
C ARG A 321 13.82 -31.51 -5.39
N ASN A 322 12.54 -31.55 -5.75
CA ASN A 322 11.68 -32.67 -5.40
C ASN A 322 11.81 -33.77 -6.45
N ILE A 323 12.36 -34.91 -6.05
CA ILE A 323 12.53 -36.05 -6.95
C ILE A 323 11.94 -37.29 -6.29
N PRO A 324 10.61 -37.46 -6.29
CA PRO A 324 10.02 -38.62 -5.62
C PRO A 324 10.12 -39.92 -6.40
N SER A 325 10.57 -39.89 -7.64
CA SER A 325 10.69 -41.10 -8.44
C SER A 325 11.77 -42.03 -7.89
N GLY B 1 23.08 -30.74 -10.01
CA GLY B 1 23.38 -29.50 -9.32
C GLY B 1 24.85 -29.16 -9.31
N LEU B 2 25.21 -28.12 -8.55
CA LEU B 2 26.57 -27.62 -8.57
C LEU B 2 27.54 -28.59 -7.90
N PHE B 3 27.11 -29.27 -6.86
CA PHE B 3 27.99 -30.16 -6.12
C PHE B 3 27.84 -31.62 -6.50
N GLY B 4 26.95 -31.93 -7.45
CA GLY B 4 26.89 -33.26 -8.02
C GLY B 4 26.17 -34.30 -7.19
N ALA B 5 25.56 -33.93 -6.07
CA ALA B 5 24.89 -34.89 -5.20
C ALA B 5 23.41 -35.03 -5.53
N ILE B 6 22.64 -33.95 -5.40
CA ILE B 6 21.21 -33.99 -5.69
C ILE B 6 21.02 -34.02 -7.21
N ALA B 7 20.24 -34.99 -7.68
CA ALA B 7 20.07 -35.28 -9.10
C ALA B 7 21.39 -35.64 -9.77
N GLY B 8 22.37 -36.09 -8.99
CA GLY B 8 23.66 -36.51 -9.51
C GLY B 8 23.92 -37.97 -9.24
N PHE B 9 24.91 -38.27 -8.40
CA PHE B 9 25.21 -39.65 -8.08
C PHE B 9 24.22 -40.24 -7.08
N ILE B 10 23.39 -39.42 -6.44
CA ILE B 10 22.21 -39.89 -5.70
C ILE B 10 21.01 -39.46 -6.52
N GLU B 11 20.43 -40.40 -7.27
CA GLU B 11 19.55 -40.06 -8.37
C GLU B 11 18.21 -39.47 -7.88
N GLY B 12 17.66 -40.01 -6.80
CA GLY B 12 16.33 -39.63 -6.38
C GLY B 12 16.25 -39.36 -4.88
N GLY B 13 15.11 -38.79 -4.48
CA GLY B 13 14.81 -38.53 -3.09
C GLY B 13 13.93 -39.61 -2.48
N TRP B 14 13.84 -39.58 -1.15
CA TRP B 14 13.15 -40.60 -0.38
C TRP B 14 11.83 -40.05 0.13
N THR B 15 10.72 -40.58 -0.38
CA THR B 15 9.42 -40.24 0.18
C THR B 15 9.22 -40.83 1.57
N GLY B 16 9.94 -41.91 1.89
CA GLY B 16 9.80 -42.55 3.19
C GLY B 16 10.43 -41.80 4.34
N MET B 17 11.32 -40.85 4.05
CA MET B 17 11.97 -40.06 5.09
C MET B 17 11.19 -38.76 5.26
N ILE B 18 10.36 -38.71 6.30
CA ILE B 18 9.50 -37.56 6.53
C ILE B 18 10.06 -36.62 7.61
N ASP B 19 11.03 -37.07 8.40
CA ASP B 19 11.50 -36.27 9.53
C ASP B 19 12.28 -35.04 9.07
N GLY B 20 13.22 -35.23 8.16
CA GLY B 20 14.16 -34.17 7.81
C GLY B 20 14.48 -34.15 6.33
N TRP B 21 15.31 -33.18 5.96
CA TRP B 21 15.71 -33.01 4.57
C TRP B 21 16.76 -34.04 4.15
N TYR B 22 17.68 -34.38 5.05
CA TYR B 22 18.74 -35.33 4.79
C TYR B 22 18.73 -36.41 5.87
N GLY B 23 19.23 -37.58 5.53
CA GLY B 23 19.28 -38.65 6.50
C GLY B 23 19.83 -39.94 5.92
N TYR B 24 19.52 -41.04 6.60
CA TYR B 24 20.10 -42.34 6.32
C TYR B 24 19.02 -43.40 6.18
N HIS B 25 19.31 -44.42 5.37
CA HIS B 25 18.50 -45.62 5.30
C HIS B 25 19.43 -46.82 5.54
N HIS B 26 19.07 -47.66 6.50
CA HIS B 26 19.91 -48.77 6.92
C HIS B 26 19.21 -50.10 6.62
N GLN B 27 20.01 -51.13 6.41
CA GLN B 27 19.51 -52.48 6.19
C GLN B 27 20.45 -53.46 6.87
N ASN B 28 19.99 -54.11 7.93
CA ASN B 28 20.75 -55.15 8.61
C ASN B 28 19.78 -56.29 8.95
N GLU B 29 20.27 -57.25 9.74
CA GLU B 29 19.45 -58.40 10.12
C GLU B 29 18.29 -58.01 11.04
N GLN B 30 18.38 -56.87 11.73
CA GLN B 30 17.32 -56.44 12.63
C GLN B 30 16.18 -55.72 11.92
N GLY B 31 16.36 -55.32 10.67
CA GLY B 31 15.32 -54.67 9.91
C GLY B 31 15.88 -53.53 9.09
N SER B 32 14.99 -52.62 8.71
CA SER B 32 15.36 -51.48 7.89
C SER B 32 14.45 -50.31 8.21
N GLY B 33 14.90 -49.12 7.86
CA GLY B 33 14.08 -47.94 8.07
C GLY B 33 14.85 -46.69 7.71
N TYR B 34 14.11 -45.58 7.69
CA TYR B 34 14.67 -44.27 7.41
C TYR B 34 14.95 -43.53 8.71
N ALA B 35 15.98 -42.68 8.68
CA ALA B 35 16.36 -41.88 9.83
C ALA B 35 17.03 -40.60 9.35
N ALA B 36 16.43 -39.46 9.67
CA ALA B 36 16.99 -38.17 9.28
C ALA B 36 18.17 -37.79 10.16
N ASP B 37 19.09 -37.01 9.59
CA ASP B 37 20.23 -36.46 10.32
C ASP B 37 19.80 -35.13 10.93
N GLN B 38 19.54 -35.13 12.23
CA GLN B 38 18.99 -33.95 12.88
C GLN B 38 19.97 -32.79 12.87
N LYS B 39 21.27 -33.08 13.03
CA LYS B 39 22.27 -32.02 13.12
C LYS B 39 22.32 -31.21 11.83
N SER B 40 22.49 -31.89 10.70
CA SER B 40 22.60 -31.17 9.44
C SER B 40 21.26 -30.61 8.97
N THR B 41 20.16 -31.31 9.25
CA THR B 41 18.85 -30.78 8.89
C THR B 41 18.53 -29.54 9.69
N GLN B 42 18.78 -29.56 11.00
CA GLN B 42 18.48 -28.38 11.82
C GLN B 42 19.35 -27.21 11.40
N ASN B 43 20.62 -27.45 11.08
CA ASN B 43 21.49 -26.38 10.63
C ASN B 43 20.97 -25.74 9.35
N ALA B 44 20.52 -26.57 8.41
CA ALA B 44 19.99 -26.02 7.15
C ALA B 44 18.69 -25.25 7.37
N ILE B 45 17.88 -25.67 8.34
CA ILE B 45 16.64 -24.94 8.64
C ILE B 45 16.96 -23.54 9.13
N ASN B 46 17.89 -23.43 10.08
CA ASN B 46 18.20 -22.13 10.68
C ASN B 46 18.76 -21.16 9.64
N GLY B 47 19.66 -21.64 8.79
CA GLY B 47 20.25 -20.77 7.79
C GLY B 47 19.23 -20.26 6.79
N ILE B 48 18.37 -21.16 6.32
CA ILE B 48 17.33 -20.79 5.37
C ILE B 48 16.29 -19.87 6.02
N THR B 49 16.00 -20.09 7.30
CA THR B 49 15.07 -19.21 8.01
C THR B 49 15.62 -17.81 8.14
N ASN B 50 16.88 -17.69 8.57
CA ASN B 50 17.55 -16.40 8.57
C ASN B 50 17.56 -15.79 7.18
N LYS B 51 17.82 -16.62 6.17
CA LYS B 51 17.83 -16.17 4.79
C LYS B 51 16.46 -15.65 4.33
N VAL B 52 15.37 -16.33 4.70
CA VAL B 52 14.04 -15.82 4.38
C VAL B 52 13.78 -14.51 5.12
N ASN B 53 14.09 -14.47 6.41
CA ASN B 53 13.86 -13.27 7.21
C ASN B 53 14.71 -12.11 6.72
N THR B 54 15.92 -12.39 6.22
CA THR B 54 16.76 -11.33 5.69
C THR B 54 16.10 -10.64 4.51
N VAL B 55 15.50 -11.42 3.61
CA VAL B 55 14.84 -10.84 2.45
C VAL B 55 13.66 -9.99 2.88
N ILE B 56 12.84 -10.51 3.80
CA ILE B 56 11.67 -9.77 4.26
C ILE B 56 12.08 -8.52 5.03
N GLU B 57 13.15 -8.61 5.83
CA GLU B 57 13.56 -7.46 6.64
C GLU B 57 14.13 -6.35 5.77
N LYS B 58 14.83 -6.70 4.68
CA LYS B 58 15.42 -5.67 3.83
C LYS B 58 14.35 -4.81 3.16
N MET B 59 13.16 -5.37 2.94
CA MET B 59 12.06 -4.60 2.39
C MET B 59 11.36 -3.83 3.50
N ASN B 60 11.43 -2.51 3.44
CA ASN B 60 10.76 -1.69 4.45
C ASN B 60 9.26 -1.76 4.29
N ILE B 61 8.56 -1.36 5.36
CA ILE B 61 7.11 -1.24 5.29
C ILE B 61 6.75 -0.11 4.33
N GLN B 62 5.85 -0.38 3.40
CA GLN B 62 5.36 0.64 2.48
C GLN B 62 4.30 1.45 3.19
N PHE B 63 4.66 2.66 3.61
CA PHE B 63 3.71 3.55 4.28
C PHE B 63 2.82 4.20 3.23
N THR B 64 1.98 5.13 3.66
CA THR B 64 0.95 5.67 2.79
C THR B 64 1.57 6.28 1.53
N ALA B 65 1.03 5.89 0.38
CA ALA B 65 1.47 6.39 -0.92
C ALA B 65 0.23 6.53 -1.79
N VAL B 66 -0.16 7.76 -2.10
CA VAL B 66 -1.38 8.04 -2.84
C VAL B 66 -1.06 8.89 -4.06
N GLY B 67 -2.05 9.05 -4.93
CA GLY B 67 -1.90 9.90 -6.10
C GLY B 67 -2.01 11.38 -5.77
N LYS B 68 -1.72 12.19 -6.77
CA LYS B 68 -1.83 13.64 -6.66
C LYS B 68 -2.55 14.16 -7.89
N GLU B 69 -3.06 15.39 -7.78
CA GLU B 69 -3.83 16.00 -8.85
C GLU B 69 -3.09 17.23 -9.38
N PHE B 70 -3.23 17.47 -10.69
CA PHE B 70 -2.62 18.59 -11.36
C PHE B 70 -3.62 19.19 -12.35
N ASN B 71 -3.64 20.51 -12.46
CA ASN B 71 -4.56 21.18 -13.36
C ASN B 71 -4.05 21.11 -14.80
N LYS B 72 -4.85 21.64 -15.72
CA LYS B 72 -4.55 21.51 -17.15
C LYS B 72 -3.28 22.25 -17.55
N LEU B 73 -2.78 23.16 -16.71
CA LEU B 73 -1.57 23.90 -17.00
C LEU B 73 -0.37 23.39 -16.21
N GLU B 74 -0.43 22.16 -15.71
CA GLU B 74 0.66 21.56 -14.95
C GLU B 74 1.00 20.19 -15.50
N LYS B 75 0.91 20.04 -16.82
CA LYS B 75 1.19 18.75 -17.43
C LYS B 75 2.63 18.32 -17.22
N ARG B 76 3.57 19.28 -17.22
CA ARG B 76 4.98 18.94 -17.00
C ARG B 76 5.20 18.32 -15.63
N MET B 77 4.64 18.94 -14.59
CA MET B 77 4.78 18.41 -13.24
C MET B 77 4.07 17.08 -13.10
N GLU B 78 2.91 16.93 -13.74
CA GLU B 78 2.19 15.66 -13.72
C GLU B 78 3.01 14.54 -14.36
N ASN B 79 3.66 14.84 -15.49
CA ASN B 79 4.49 13.83 -16.14
C ASN B 79 5.73 13.51 -15.33
N LEU B 80 6.32 14.50 -14.67
CA LEU B 80 7.44 14.24 -13.80
C LEU B 80 7.04 13.35 -12.63
N ASN B 81 5.85 13.60 -12.07
CA ASN B 81 5.36 12.74 -11.00
C ASN B 81 5.15 11.31 -11.50
N LYS B 82 4.59 11.16 -12.70
CA LYS B 82 4.43 9.83 -13.28
C LYS B 82 5.77 9.18 -13.55
N LYS B 83 6.75 9.95 -14.06
CA LYS B 83 8.08 9.39 -14.31
C LYS B 83 8.73 8.92 -13.03
N VAL B 84 8.54 9.65 -11.93
CA VAL B 84 9.07 9.23 -10.64
C VAL B 84 8.40 7.93 -10.19
N ASP B 85 7.07 7.87 -10.23
CA ASP B 85 6.35 6.70 -9.73
C ASP B 85 6.69 5.46 -10.54
N ASP B 86 6.67 5.59 -11.87
CA ASP B 86 7.01 4.46 -12.74
C ASP B 86 8.46 4.04 -12.55
N GLY B 87 9.37 5.01 -12.42
CA GLY B 87 10.77 4.67 -12.27
C GLY B 87 11.03 3.86 -11.01
N PHE B 88 10.47 4.31 -9.88
CA PHE B 88 10.64 3.57 -8.64
C PHE B 88 9.99 2.19 -8.74
N LEU B 89 8.82 2.11 -9.37
CA LEU B 89 8.16 0.83 -9.55
C LEU B 89 8.99 -0.09 -10.43
N ASP B 90 9.62 0.44 -11.49
CA ASP B 90 10.47 -0.37 -12.35
C ASP B 90 11.63 -0.97 -11.55
N ILE B 91 12.25 -0.18 -10.68
CA ILE B 91 13.42 -0.64 -9.95
C ILE B 91 13.04 -1.71 -8.93
N TRP B 92 11.96 -1.49 -8.18
CA TRP B 92 11.60 -2.45 -7.13
C TRP B 92 11.13 -3.77 -7.70
N THR B 93 10.41 -3.74 -8.84
CA THR B 93 10.02 -4.98 -9.49
C THR B 93 11.25 -5.74 -9.98
N TYR B 94 12.23 -5.01 -10.54
CA TYR B 94 13.47 -5.63 -10.97
C TYR B 94 14.24 -6.23 -9.79
N ASN B 95 14.33 -5.49 -8.68
CA ASN B 95 15.05 -6.00 -7.52
C ASN B 95 14.39 -7.24 -6.93
N ALA B 96 13.06 -7.22 -6.81
CA ALA B 96 12.36 -8.32 -6.15
C ALA B 96 12.52 -9.63 -6.94
N GLU B 97 12.24 -9.57 -8.25
CA GLU B 97 12.32 -10.78 -9.06
C GLU B 97 13.75 -11.30 -9.13
N LEU B 98 14.72 -10.42 -9.35
CA LEU B 98 16.10 -10.86 -9.49
C LEU B 98 16.62 -11.47 -8.20
N LEU B 99 16.33 -10.85 -7.05
CA LEU B 99 16.80 -11.37 -5.79
C LEU B 99 16.25 -12.77 -5.52
N VAL B 100 14.96 -12.98 -5.86
CA VAL B 100 14.37 -14.30 -5.67
C VAL B 100 15.04 -15.32 -6.60
N LEU B 101 15.27 -14.95 -7.86
CA LEU B 101 15.93 -15.86 -8.80
C LEU B 101 17.34 -16.18 -8.35
N LEU B 102 18.14 -15.16 -8.03
CA LEU B 102 19.52 -15.41 -7.62
C LEU B 102 19.56 -16.24 -6.35
N GLU B 103 18.66 -15.96 -5.42
CA GLU B 103 18.71 -16.67 -4.15
C GLU B 103 18.18 -18.08 -4.28
N ASN B 104 17.24 -18.32 -5.21
CA ASN B 104 16.74 -19.68 -5.42
C ASN B 104 17.86 -20.61 -5.91
N GLU B 105 18.70 -20.13 -6.83
CA GLU B 105 19.83 -20.94 -7.27
C GLU B 105 20.77 -21.23 -6.11
N ARG B 106 20.97 -20.25 -5.21
CA ARG B 106 21.84 -20.46 -4.06
C ARG B 106 21.28 -21.50 -3.10
N THR B 107 19.96 -21.48 -2.89
CA THR B 107 19.34 -22.45 -1.99
C THR B 107 19.48 -23.88 -2.50
N LEU B 108 19.24 -24.08 -3.80
CA LEU B 108 19.36 -25.43 -4.36
C LEU B 108 20.78 -25.94 -4.25
N ASP B 109 21.76 -25.07 -4.53
CA ASP B 109 23.16 -25.46 -4.38
C ASP B 109 23.51 -25.68 -2.91
N PHE B 110 22.92 -24.90 -2.01
CA PHE B 110 23.19 -25.07 -0.59
C PHE B 110 22.75 -26.45 -0.11
N HIS B 111 21.57 -26.89 -0.54
CA HIS B 111 21.13 -28.25 -0.25
C HIS B 111 22.02 -29.27 -0.92
N ASP B 112 22.43 -29.00 -2.17
CA ASP B 112 23.31 -29.93 -2.87
C ASP B 112 24.64 -30.09 -2.13
N SER B 113 25.21 -29.00 -1.64
CA SER B 113 26.45 -29.06 -0.86
C SER B 113 26.26 -29.86 0.41
N ASN B 114 25.12 -29.71 1.08
CA ASN B 114 24.90 -30.38 2.36
C ASN B 114 24.86 -31.91 2.18
N VAL B 115 24.20 -32.37 1.12
CA VAL B 115 24.12 -33.81 0.86
C VAL B 115 25.51 -34.40 0.63
N LYS B 116 26.33 -33.71 -0.19
CA LYS B 116 27.68 -34.21 -0.46
C LYS B 116 28.51 -34.24 0.82
N ASN B 117 28.43 -33.19 1.63
CA ASN B 117 29.21 -33.15 2.86
C ASN B 117 28.81 -34.26 3.81
N LEU B 118 27.50 -34.54 3.92
CA LEU B 118 27.05 -35.65 4.75
C LEU B 118 27.54 -36.97 4.19
N TYR B 119 27.47 -37.15 2.87
CA TYR B 119 28.00 -38.36 2.26
C TYR B 119 29.49 -38.50 2.50
N GLU B 120 30.24 -37.41 2.33
CA GLU B 120 31.68 -37.48 2.55
C GLU B 120 32.02 -37.70 4.01
N LYS B 121 31.20 -37.18 4.93
CA LYS B 121 31.46 -37.38 6.35
C LYS B 121 31.37 -38.86 6.73
N VAL B 122 30.38 -39.57 6.18
CA VAL B 122 30.26 -41.00 6.47
C VAL B 122 31.39 -41.78 5.80
N LYS B 123 31.78 -41.38 4.60
CA LYS B 123 32.83 -42.10 3.87
C LYS B 123 34.16 -42.06 4.61
N SER B 124 34.54 -40.90 5.15
CA SER B 124 35.77 -40.81 5.93
C SER B 124 35.68 -41.55 7.26
N GLN B 125 34.46 -41.72 7.79
CA GLN B 125 34.28 -42.48 9.02
C GLN B 125 34.48 -43.97 8.77
N LEU B 126 33.88 -44.50 7.69
CA LEU B 126 33.91 -45.94 7.43
C LEU B 126 35.26 -46.40 6.88
N LYS B 127 35.91 -45.57 6.07
CA LYS B 127 37.19 -45.90 5.42
C LYS B 127 36.98 -47.18 4.62
N ASN B 128 37.81 -48.21 4.78
CA ASN B 128 37.69 -49.43 4.00
C ASN B 128 36.90 -50.52 4.72
N ASN B 129 36.26 -50.21 5.84
CA ASN B 129 35.37 -51.16 6.49
C ASN B 129 34.05 -51.35 5.73
N ALA B 130 33.79 -50.54 4.72
CA ALA B 130 32.65 -50.71 3.83
C ALA B 130 33.08 -50.32 2.42
N LYS B 131 32.23 -50.63 1.44
CA LYS B 131 32.52 -50.34 0.05
C LYS B 131 31.43 -49.46 -0.55
N GLU B 132 31.84 -48.50 -1.39
CA GLU B 132 30.92 -47.61 -2.09
C GLU B 132 30.24 -48.39 -3.22
N ILE B 133 28.96 -48.68 -3.07
CA ILE B 133 28.25 -49.50 -4.04
C ILE B 133 27.49 -48.57 -4.98
N GLY B 134 27.83 -47.29 -4.94
CA GLY B 134 27.19 -46.30 -5.79
C GLY B 134 25.84 -45.88 -5.22
N ASN B 135 25.25 -44.88 -5.87
CA ASN B 135 23.96 -44.30 -5.50
C ASN B 135 23.94 -43.82 -4.05
N GLY B 136 25.10 -43.49 -3.49
CA GLY B 136 25.15 -43.00 -2.12
C GLY B 136 25.01 -44.07 -1.05
N CYS B 137 25.34 -45.32 -1.36
CA CYS B 137 25.20 -46.42 -0.41
C CYS B 137 26.56 -47.05 -0.13
N PHE B 138 26.69 -47.58 1.10
CA PHE B 138 27.89 -48.27 1.53
C PHE B 138 27.52 -49.69 1.94
N GLU B 139 28.25 -50.67 1.42
CA GLU B 139 28.05 -52.07 1.78
C GLU B 139 29.12 -52.44 2.81
N PHE B 140 28.69 -52.77 4.03
CA PHE B 140 29.62 -53.07 5.10
C PHE B 140 30.34 -54.40 4.86
N TYR B 141 31.64 -54.42 5.13
CA TYR B 141 32.41 -55.66 5.18
C TYR B 141 32.32 -56.34 6.54
N HIS B 142 31.34 -55.98 7.35
CA HIS B 142 31.19 -56.58 8.67
C HIS B 142 29.74 -56.45 9.10
N LYS B 143 29.37 -57.29 10.07
CA LYS B 143 28.04 -57.21 10.64
C LYS B 143 27.88 -55.91 11.41
N CYS B 144 26.81 -55.17 11.12
CA CYS B 144 26.56 -53.87 11.72
C CYS B 144 25.12 -53.84 12.21
N ASP B 145 24.93 -53.83 13.53
CA ASP B 145 23.61 -53.91 14.13
C ASP B 145 23.05 -52.51 14.35
N ASN B 146 21.93 -52.42 15.08
CA ASN B 146 21.29 -51.13 15.31
C ASN B 146 22.20 -50.18 16.07
N GLU B 147 22.89 -50.69 17.10
CA GLU B 147 23.86 -49.87 17.81
C GLU B 147 24.98 -49.39 16.89
N CYS B 148 25.48 -50.29 16.03
CA CYS B 148 26.52 -49.90 15.09
C CYS B 148 25.98 -48.89 14.08
N MET B 149 24.76 -49.09 13.59
CA MET B 149 24.16 -48.14 12.65
C MET B 149 24.03 -46.76 13.28
N GLU B 150 23.58 -46.70 14.54
CA GLU B 150 23.46 -45.41 15.22
C GLU B 150 24.81 -44.73 15.35
N SER B 151 25.87 -45.50 15.56
CA SER B 151 27.21 -44.91 15.64
C SER B 151 27.66 -44.29 14.33
N VAL B 152 27.15 -44.78 13.19
CA VAL B 152 27.44 -44.15 11.91
C VAL B 152 26.58 -42.91 11.73
N ARG B 153 25.32 -42.96 12.14
CA ARG B 153 24.41 -41.83 11.99
C ARG B 153 24.90 -40.62 12.80
N ASN B 154 25.41 -40.85 14.00
CA ASN B 154 26.18 -39.81 14.67
C ASN B 154 27.66 -40.01 14.34
N GLY B 155 28.51 -39.18 14.91
CA GLY B 155 29.91 -39.19 14.50
C GLY B 155 30.84 -40.02 15.36
N THR B 156 30.40 -41.22 15.76
CA THR B 156 31.15 -42.04 16.70
C THR B 156 31.32 -43.47 16.19
N TYR B 157 31.73 -43.62 14.94
CA TYR B 157 32.03 -44.95 14.41
C TYR B 157 33.42 -45.38 14.84
N ASP B 158 33.51 -46.58 15.41
CA ASP B 158 34.77 -47.14 15.88
C ASP B 158 35.38 -47.98 14.76
N TYR B 159 36.25 -47.37 13.98
CA TYR B 159 36.94 -48.09 12.90
C TYR B 159 37.80 -49.25 13.40
N PRO B 160 38.65 -49.09 14.43
CA PRO B 160 39.45 -50.25 14.88
C PRO B 160 38.62 -51.40 15.39
N LYS B 161 37.40 -51.16 15.86
CA LYS B 161 36.57 -52.21 16.43
C LYS B 161 36.23 -53.28 15.39
N TYR B 162 35.90 -52.86 14.16
CA TYR B 162 35.50 -53.78 13.12
C TYR B 162 36.54 -53.93 12.02
N SER B 163 37.73 -53.33 12.19
CA SER B 163 38.73 -53.38 11.13
C SER B 163 39.19 -54.81 10.86
N GLU B 164 39.42 -55.58 11.93
CA GLU B 164 39.91 -56.95 11.76
C GLU B 164 38.89 -57.81 11.05
N GLU B 165 37.61 -57.71 11.44
CA GLU B 165 36.57 -58.41 10.69
C GLU B 165 36.57 -57.97 9.23
N SER B 166 36.46 -56.65 9.00
CA SER B 166 36.28 -56.14 7.65
C SER B 166 37.42 -56.56 6.72
N LYS B 167 38.64 -56.61 7.25
CA LYS B 167 39.77 -57.05 6.43
C LYS B 167 39.58 -58.48 5.95
N LEU B 168 39.05 -59.35 6.82
CA LEU B 168 38.84 -60.75 6.43
C LEU B 168 37.80 -60.88 5.33
N ASN B 169 36.66 -60.21 5.48
CA ASN B 169 35.66 -60.24 4.40
C ASN B 169 36.18 -59.58 3.13
N ARG B 170 36.89 -58.47 3.27
CA ARG B 170 37.50 -57.83 2.10
C ARG B 170 38.55 -58.73 1.46
N GLU B 171 39.24 -59.53 2.28
CA GLU B 171 40.25 -60.49 1.83
C GLU B 171 41.25 -59.87 0.86
C1 NAG C . 26.19 -42.25 19.06
C2 NAG C . 25.95 -41.82 20.51
C3 NAG C . 26.47 -42.88 21.47
C4 NAG C . 25.90 -44.26 21.13
C5 NAG C . 26.10 -44.57 19.65
C6 NAG C . 25.42 -45.85 19.21
C7 NAG C . 25.90 -39.41 21.00
C8 NAG C . 24.40 -39.53 20.96
N2 NAG C . 26.58 -40.54 20.78
O3 NAG C . 26.11 -42.52 22.81
O4 NAG C . 26.60 -45.23 21.90
O5 NAG C . 25.55 -43.51 18.83
O6 NAG C . 24.17 -46.03 19.87
O7 NAG C . 26.46 -38.34 21.22
C1 NAG C . 25.74 -46.08 22.70
C2 NAG C . 26.64 -46.95 23.57
C3 NAG C . 25.79 -47.87 24.44
C4 NAG C . 24.76 -47.05 25.24
C5 NAG C . 23.94 -46.18 24.29
C6 NAG C . 22.98 -45.26 25.01
C7 NAG C . 28.82 -47.33 22.51
C8 NAG C . 29.64 -48.25 21.67
N2 NAG C . 27.57 -47.73 22.77
O3 NAG C . 26.61 -48.60 25.34
O4 NAG C . 23.89 -47.92 25.96
O5 NAG C . 24.82 -45.34 23.51
O6 NAG C . 21.63 -45.68 24.86
O7 NAG C . 29.27 -46.27 22.95
C1 NAG D . -0.14 -34.36 -0.59
C2 NAG D . -1.28 -33.57 -1.23
C3 NAG D . -2.23 -33.03 -0.15
C4 NAG D . -2.69 -34.16 0.77
C5 NAG D . -1.48 -34.89 1.35
C6 NAG D . -1.85 -36.06 2.21
C7 NAG D . -0.56 -32.56 -3.34
C8 NAG D . -0.03 -31.33 -4.01
N2 NAG D . -0.78 -32.47 -2.03
O3 NAG D . -3.37 -32.43 -0.77
O4 NAG D . -3.48 -33.64 1.84
O5 NAG D . -0.67 -35.39 0.28
O6 NAG D . -1.34 -35.93 3.53
O7 NAG D . -0.78 -33.60 -3.98
C1 NAG E . -5.24 -11.57 9.55
C2 NAG E . -6.56 -12.17 10.03
C3 NAG E . -6.38 -12.88 11.38
C4 NAG E . -5.23 -13.88 11.30
C5 NAG E . -3.97 -13.20 10.78
C6 NAG E . -2.82 -14.16 10.57
C7 NAG E . -8.57 -11.00 9.23
C8 NAG E . -8.58 -11.97 8.09
N2 NAG E . -7.59 -11.15 10.14
O3 NAG E . -7.58 -13.55 11.74
O4 NAG E . -4.98 -14.45 12.58
O5 NAG E . -4.24 -12.59 9.51
O6 NAG E . -3.29 -15.46 10.22
O7 NAG E . -9.42 -10.11 9.34
C1 NAG F . 6.25 -27.22 -14.90
C2 NAG F . 5.43 -27.28 -16.19
C3 NAG F . 4.14 -28.07 -15.98
C4 NAG F . 4.47 -29.45 -15.42
C5 NAG F . 5.32 -29.33 -14.16
C6 NAG F . 5.76 -30.67 -13.60
C7 NAG F . 5.58 -25.46 -17.85
C8 NAG F . 6.42 -26.39 -18.66
N2 NAG F . 5.14 -25.94 -16.68
O3 NAG F . 3.44 -28.20 -17.21
O4 NAG F . 3.26 -30.15 -15.12
O5 NAG F . 6.50 -28.57 -14.43
O6 NAG F . 6.60 -31.36 -14.52
O7 NAG F . 5.32 -24.32 -18.23
C10 A1ADD G . 8.38 -15.29 7.86
C11 A1ADD G . 9.51 -16.26 8.07
C13 A1ADD G . 9.15 -23.34 5.27
C15 A1ADD G . 10.36 -25.86 7.72
C16 A1ADD G . 10.03 -27.10 8.51
C17 A1ADD G . 11.13 -28.45 6.87
C18 A1ADD G . 10.94 -29.93 6.66
C19 A1ADD G . 9.71 -30.52 6.89
C20 A1ADD G . 9.53 -31.88 6.68
C21 A1ADD G . 10.57 -32.66 6.24
C12 A1ADD G . 8.85 -22.00 5.46
C14 A1ADD G . 10.19 -27.61 6.03
C1 A1ADD G . 10.73 -25.30 5.33
C2 A1ADD G . 10.41 -23.85 5.56
C22 A1ADD G . 11.81 -32.08 6.00
C23 A1ADD G . 11.99 -30.72 6.22
C3 A1ADD G . 11.37 -22.96 6.05
C4 A1ADD G . 11.08 -21.62 6.25
C5 A1ADD G . 9.81 -21.13 5.95
C6 A1ADD G . 7.84 -17.28 6.68
C7 A1ADD G . 7.71 -15.77 6.54
C8 A1ADD G . 5.62 -16.01 5.26
C9 A1ADD G . 5.65 -14.60 7.27
F1 A1ADD G . 9.53 -19.49 8.64
N1 A1ADD G . 9.46 -19.79 6.13
N2 A1ADD G . 9.25 -17.35 7.11
N3 A1ADD G . 6.42 -15.19 6.17
N4 A1ADD G . 10.44 -26.18 6.31
O1 A1ADD G . 11.21 -25.65 4.26
O2 A1ADD G . 11.39 -18.66 7.28
O3 A1ADD G . 10.97 -28.16 8.27
S1 A1ADD G . 9.97 -18.80 7.30
CL1 A1ADD G . 12.96 -23.51 6.43
CL2 A1ADD G . 7.89 -24.37 4.65
#